data_1JPT
#
_entry.id   1JPT
#
_cell.length_a   49.12
_cell.length_b   78.20
_cell.length_c   58.92
_cell.angle_alpha   90.00
_cell.angle_beta   107.61
_cell.angle_gamma   90.00
#
_symmetry.space_group_name_H-M   'P 1 21 1'
#
loop_
_entity.id
_entity.type
_entity.pdbx_description
1 polymer 'immunoglobulin Fab D3h44, light chain'
2 polymer 'immunoglobulin Fab D3H44, heavy chain'
3 water water
#
loop_
_entity_poly.entity_id
_entity_poly.type
_entity_poly.pdbx_seq_one_letter_code
_entity_poly.pdbx_strand_id
1 'polypeptide(L)'
;DIQMTQSPSSLSASVGDRVTITCRASRDIKSYLNWYQQKPGKAPKVLIYYATSLAEGVPSRFSGSGSGTDYTLTISSLQP
EDFATYYCLQHGESPWTFGQGTKVEIKRTVAAPSVFIFPPSDEQLKSGTASVVCLLNNFYPREAKVQWKVDNALQSGNSQ
ESVTEQDSKDSTYSLSSTLTLSKADYEKHKVYACEVTHQGLSSPVTKSFNRGEC
;
L
2 'polypeptide(L)'
;EVQLVESGGGLVQPGGSLRLSCAASGFNIKEYYMHWVRQAPGKGLEWVGLIDPEQGNTIYDPKFQDRATISADNSKNTAY
LQMNSLRAEDTAVYYCARDTAAYFDYWGQGTLVTVSSASTKGPSVFPLAPSSKSTSGGTAALGCLVKDYFPEPVTVSWNS
GALTSGVHTFPAVLQSSGLYSLSSVVTVPSSSLGTQTYICNVNHKPSNTKVDKKVEPKSCDKTHT
;
H
#
# COMPACT_ATOMS: atom_id res chain seq x y z
N ASP A 1 14.70 8.17 -24.41
CA ASP A 1 13.75 9.01 -23.61
C ASP A 1 14.54 9.96 -22.70
N ILE A 2 13.87 10.91 -22.07
CA ILE A 2 14.56 11.81 -21.15
C ILE A 2 14.65 11.07 -19.82
N GLN A 3 15.86 10.82 -19.35
CA GLN A 3 15.99 10.10 -18.07
C GLN A 3 15.87 11.09 -16.90
N MET A 4 15.11 10.73 -15.86
CA MET A 4 14.95 11.61 -14.70
C MET A 4 15.60 10.92 -13.49
N THR A 5 16.59 11.56 -12.89
CA THR A 5 17.30 10.99 -11.75
C THR A 5 17.07 11.85 -10.54
N GLN A 6 16.41 11.28 -9.53
CA GLN A 6 16.13 12.00 -8.28
C GLN A 6 17.20 11.66 -7.27
N SER A 7 17.42 12.58 -6.35
CA SER A 7 18.44 12.42 -5.31
C SER A 7 17.86 13.06 -4.06
N PRO A 8 17.93 12.37 -2.91
CA PRO A 8 18.50 11.03 -2.76
C PRO A 8 17.36 10.07 -3.00
N SER A 9 17.58 8.78 -2.82
CA SER A 9 16.49 7.83 -3.01
C SER A 9 15.60 7.74 -1.77
N SER A 10 16.15 8.08 -0.61
CA SER A 10 15.37 8.09 0.64
C SER A 10 16.07 9.01 1.63
N LEU A 11 15.32 9.54 2.59
CA LEU A 11 15.87 10.41 3.62
C LEU A 11 14.88 10.42 4.80
N SER A 12 15.37 10.81 5.97
CA SER A 12 14.51 10.92 7.14
C SER A 12 14.91 12.23 7.77
N ALA A 13 13.92 12.91 8.34
CA ALA A 13 14.19 14.17 9.00
C ALA A 13 13.19 14.33 10.11
N SER A 14 13.45 15.26 11.02
CA SER A 14 12.52 15.47 12.12
C SER A 14 11.42 16.43 11.76
N VAL A 15 10.32 16.37 12.54
CA VAL A 15 9.20 17.28 12.34
C VAL A 15 9.75 18.70 12.52
N GLY A 16 9.40 19.58 11.59
CA GLY A 16 9.89 20.94 11.64
C GLY A 16 11.14 21.17 10.81
N ASP A 17 11.84 20.11 10.41
CA ASP A 17 13.04 20.28 9.60
C ASP A 17 12.76 20.65 8.13
N ARG A 18 13.77 21.20 7.47
CA ARG A 18 13.67 21.57 6.06
C ARG A 18 14.17 20.34 5.33
N VAL A 19 13.43 19.95 4.28
CA VAL A 19 13.77 18.80 3.45
C VAL A 19 13.96 19.27 2.01
N THR A 20 15.04 18.79 1.38
CA THR A 20 15.37 19.11 -0.01
C THR A 20 15.52 17.84 -0.84
N ILE A 21 14.88 17.82 -2.00
CA ILE A 21 14.93 16.69 -2.93
C ILE A 21 15.28 17.26 -4.31
N THR A 22 16.22 16.64 -5.00
CA THR A 22 16.57 17.17 -6.33
C THR A 22 16.21 16.19 -7.42
N CYS A 23 16.15 16.70 -8.65
CA CYS A 23 15.78 15.89 -9.81
C CYS A 23 16.57 16.45 -11.01
N ARG A 24 17.24 15.56 -11.74
CA ARG A 24 17.98 15.99 -12.93
C ARG A 24 17.48 15.25 -14.16
N ALA A 25 17.18 16.02 -15.20
CA ALA A 25 16.73 15.50 -16.47
C ALA A 25 17.97 15.35 -17.35
N SER A 26 17.98 14.32 -18.18
CA SER A 26 19.12 14.06 -19.05
C SER A 26 19.37 15.17 -20.08
N ARG A 27 18.36 15.98 -20.35
CA ARG A 27 18.51 17.13 -21.24
C ARG A 27 17.43 18.14 -20.89
N ASP A 28 17.59 19.35 -21.41
CA ASP A 28 16.71 20.48 -21.14
C ASP A 28 15.23 20.15 -21.24
N ILE A 29 14.46 20.40 -20.16
CA ILE A 29 13.02 20.16 -20.22
C ILE A 29 12.18 21.46 -20.14
N LYS A 30 12.90 22.58 -20.16
CA LYS A 30 12.25 23.88 -20.21
C LYS A 30 11.16 24.12 -19.18
N SER A 31 11.46 23.70 -17.96
CA SER A 31 10.60 23.88 -16.82
C SER A 31 9.30 23.10 -16.81
N TYR A 32 9.10 22.23 -17.78
CA TYR A 32 7.87 21.43 -17.77
C TYR A 32 8.15 20.28 -16.84
N LEU A 33 8.15 20.59 -15.56
CA LEU A 33 8.48 19.60 -14.55
C LEU A 33 7.54 19.74 -13.38
N ASN A 34 6.87 18.64 -13.03
CA ASN A 34 5.93 18.64 -11.90
C ASN A 34 6.43 17.71 -10.81
N TRP A 35 5.98 17.96 -9.58
CA TRP A 35 6.30 17.13 -8.40
C TRP A 35 4.98 16.59 -7.87
N TYR A 36 4.92 15.28 -7.66
CA TYR A 36 3.78 14.57 -7.13
C TYR A 36 4.16 13.87 -5.82
N GLN A 37 3.20 13.76 -4.91
CA GLN A 37 3.41 13.13 -3.63
C GLN A 37 2.54 11.90 -3.61
N GLN A 38 3.08 10.76 -3.21
CA GLN A 38 2.23 9.57 -3.15
C GLN A 38 2.36 8.87 -1.79
N LYS A 39 1.23 8.76 -1.09
CA LYS A 39 1.19 8.09 0.21
C LYS A 39 0.84 6.64 -0.06
N PRO A 40 1.21 5.74 0.86
CA PRO A 40 0.90 4.32 0.62
C PRO A 40 -0.55 3.99 0.26
N GLY A 41 -0.71 3.20 -0.78
CA GLY A 41 -2.04 2.80 -1.22
C GLY A 41 -2.90 3.86 -1.87
N LYS A 42 -2.35 5.02 -2.19
CA LYS A 42 -3.16 6.05 -2.81
C LYS A 42 -2.58 6.51 -4.13
N ALA A 43 -3.43 7.12 -4.96
CA ALA A 43 -2.97 7.69 -6.24
C ALA A 43 -2.07 8.88 -5.88
N PRO A 44 -1.16 9.29 -6.80
CA PRO A 44 -0.30 10.43 -6.50
C PRO A 44 -1.17 11.71 -6.46
N LYS A 45 -0.66 12.77 -5.83
CA LYS A 45 -1.31 14.07 -5.66
C LYS A 45 -0.30 15.16 -6.09
N VAL A 46 -0.69 16.03 -7.01
CA VAL A 46 0.26 17.04 -7.43
C VAL A 46 0.58 18.03 -6.32
N LEU A 47 1.82 18.52 -6.31
CA LEU A 47 2.24 19.52 -5.35
C LEU A 47 2.65 20.80 -6.07
N ILE A 48 3.53 20.64 -7.06
CA ILE A 48 4.13 21.73 -7.84
C ILE A 48 3.99 21.46 -9.34
N TYR A 49 3.70 22.49 -10.14
CA TYR A 49 3.63 22.31 -11.58
C TYR A 49 4.50 23.41 -12.22
N TYR A 50 4.94 23.15 -13.45
CA TYR A 50 5.80 24.07 -14.19
C TYR A 50 6.97 24.58 -13.35
N ALA A 51 7.61 23.62 -12.72
CA ALA A 51 8.79 23.76 -11.86
C ALA A 51 8.65 24.57 -10.59
N THR A 52 7.92 25.68 -10.64
CA THR A 52 7.85 26.56 -9.48
C THR A 52 6.49 26.96 -8.97
N SER A 53 5.41 26.51 -9.60
CA SER A 53 4.11 26.97 -9.15
C SER A 53 3.47 25.97 -8.18
N LEU A 54 2.89 26.51 -7.10
CA LEU A 54 2.23 25.67 -6.09
C LEU A 54 0.82 25.36 -6.53
N ALA A 55 0.47 24.07 -6.60
CA ALA A 55 -0.86 23.64 -7.01
C ALA A 55 -1.92 24.06 -6.00
N GLU A 56 -3.14 24.25 -6.47
CA GLU A 56 -4.22 24.67 -5.56
C GLU A 56 -4.39 23.66 -4.41
N GLY A 57 -4.67 24.16 -3.21
CA GLY A 57 -4.88 23.30 -2.07
C GLY A 57 -3.64 22.76 -1.38
N VAL A 58 -2.48 22.94 -1.99
CA VAL A 58 -1.25 22.43 -1.38
C VAL A 58 -0.67 23.43 -0.38
N PRO A 59 -0.24 22.95 0.80
CA PRO A 59 0.33 23.79 1.86
C PRO A 59 1.53 24.59 1.36
N SER A 60 1.65 25.83 1.81
CA SER A 60 2.75 26.71 1.38
C SER A 60 4.14 26.29 1.80
N ARG A 61 4.24 25.27 2.66
CA ARG A 61 5.56 24.81 3.07
C ARG A 61 6.26 24.07 1.91
N PHE A 62 5.48 23.75 0.86
CA PHE A 62 6.03 23.09 -0.34
C PHE A 62 6.41 24.16 -1.34
N SER A 63 7.59 24.05 -1.92
CA SER A 63 8.00 24.99 -2.96
C SER A 63 8.94 24.27 -3.94
N GLY A 64 8.93 24.72 -5.19
CA GLY A 64 9.78 24.14 -6.22
C GLY A 64 10.62 25.23 -6.88
N SER A 65 11.80 24.86 -7.33
CA SER A 65 12.68 25.81 -8.01
C SER A 65 13.43 25.05 -9.06
N GLY A 66 14.08 25.78 -9.96
CA GLY A 66 14.90 25.16 -10.97
C GLY A 66 14.49 25.51 -12.40
N SER A 67 15.33 25.12 -13.35
CA SER A 67 15.10 25.39 -14.78
C SER A 67 16.12 24.54 -15.52
N GLY A 68 16.03 24.47 -16.84
CA GLY A 68 16.97 23.68 -17.60
C GLY A 68 16.86 22.20 -17.31
N THR A 69 17.90 21.62 -16.74
CA THR A 69 17.90 20.20 -16.40
C THR A 69 17.78 19.90 -14.90
N ASP A 70 18.01 20.91 -14.07
CA ASP A 70 18.04 20.70 -12.61
C ASP A 70 16.89 21.32 -11.86
N TYR A 71 16.22 20.52 -11.02
CA TYR A 71 15.05 21.01 -10.29
C TYR A 71 15.11 20.60 -8.84
N THR A 72 14.47 21.35 -7.97
CA THR A 72 14.52 21.05 -6.53
C THR A 72 13.16 21.27 -5.87
N LEU A 73 12.77 20.34 -5.00
CA LEU A 73 11.52 20.44 -4.26
C LEU A 73 11.99 20.68 -2.83
N THR A 74 11.40 21.69 -2.21
CA THR A 74 11.70 21.99 -0.83
C THR A 74 10.46 21.95 0.06
N ILE A 75 10.59 21.30 1.23
CA ILE A 75 9.51 21.29 2.23
C ILE A 75 10.16 22.06 3.38
N SER A 76 9.64 23.24 3.66
CA SER A 76 10.25 24.11 4.68
C SER A 76 10.19 23.66 6.15
N SER A 77 9.10 23.00 6.49
CA SER A 77 8.90 22.52 7.86
C SER A 77 8.17 21.18 7.78
N LEU A 78 8.93 20.10 7.74
CA LEU A 78 8.32 18.78 7.60
C LEU A 78 7.26 18.44 8.68
N GLN A 79 6.15 17.86 8.25
CA GLN A 79 5.07 17.50 9.18
C GLN A 79 4.86 15.99 9.12
N PRO A 80 4.31 15.39 10.20
CA PRO A 80 4.11 13.94 10.21
C PRO A 80 3.40 13.43 8.96
N GLU A 81 2.39 14.18 8.51
CA GLU A 81 1.61 13.79 7.36
C GLU A 81 2.39 13.87 6.05
N ASP A 82 3.62 14.36 6.11
CA ASP A 82 4.43 14.46 4.89
C ASP A 82 5.16 13.18 4.52
N PHE A 83 4.99 12.14 5.33
CA PHE A 83 5.57 10.87 5.02
C PHE A 83 4.97 10.41 3.68
N ALA A 84 5.81 10.09 2.69
CA ALA A 84 5.28 9.69 1.40
C ALA A 84 6.49 9.50 0.51
N THR A 85 6.25 9.17 -0.75
CA THR A 85 7.31 9.04 -1.73
C THR A 85 6.99 10.17 -2.70
N TYR A 86 8.02 10.96 -3.02
CA TYR A 86 7.89 12.12 -3.90
C TYR A 86 8.49 11.79 -5.28
N TYR A 87 7.80 12.18 -6.35
CA TYR A 87 8.24 11.87 -7.73
C TYR A 87 8.27 13.13 -8.59
N CYS A 88 9.30 13.27 -9.42
CA CYS A 88 9.27 14.40 -10.33
C CYS A 88 8.75 13.78 -11.62
N LEU A 89 8.16 14.59 -12.49
CA LEU A 89 7.62 14.12 -13.76
C LEU A 89 7.90 15.19 -14.81
N GLN A 90 8.60 14.85 -15.88
CA GLN A 90 8.84 15.83 -16.94
C GLN A 90 7.78 15.58 -18.00
N HIS A 91 7.21 16.68 -18.49
CA HIS A 91 6.16 16.56 -19.52
C HIS A 91 6.48 17.57 -20.59
N GLY A 92 7.77 17.72 -20.82
CA GLY A 92 8.29 18.62 -21.84
C GLY A 92 8.17 17.95 -23.19
N GLU A 93 8.29 16.62 -23.25
CA GLU A 93 8.14 15.89 -24.50
C GLU A 93 7.80 14.45 -24.19
N SER A 94 7.29 13.72 -25.20
CA SER A 94 6.92 12.33 -25.05
C SER A 94 8.13 11.46 -25.29
N PRO A 95 8.25 10.34 -24.57
CA PRO A 95 7.28 9.91 -23.55
C PRO A 95 7.51 10.73 -22.27
N TRP A 96 6.45 10.93 -21.50
CA TRP A 96 6.55 11.67 -20.23
C TRP A 96 7.31 10.68 -19.35
N THR A 97 8.20 11.20 -18.50
CA THR A 97 9.02 10.31 -17.66
C THR A 97 9.09 10.76 -16.20
N PHE A 98 9.10 9.79 -15.31
CA PHE A 98 9.14 10.05 -13.87
C PHE A 98 10.51 9.75 -13.30
N GLY A 99 10.85 10.45 -12.23
CA GLY A 99 12.06 10.17 -11.51
C GLY A 99 11.76 8.86 -10.78
N GLN A 100 12.75 8.23 -10.17
CA GLN A 100 12.53 6.95 -9.49
C GLN A 100 11.77 7.01 -8.15
N GLY A 101 11.59 8.22 -7.62
CA GLY A 101 10.91 8.39 -6.36
C GLY A 101 11.91 8.60 -5.23
N THR A 102 11.54 9.40 -4.22
CA THR A 102 12.39 9.65 -3.07
C THR A 102 11.45 9.43 -1.87
N LYS A 103 11.76 8.43 -1.04
CA LYS A 103 10.90 8.15 0.12
C LYS A 103 11.33 8.99 1.30
N VAL A 104 10.40 9.75 1.86
CA VAL A 104 10.71 10.62 2.99
C VAL A 104 10.12 10.04 4.30
N GLU A 105 10.99 9.68 5.25
CA GLU A 105 10.48 9.17 6.53
C GLU A 105 10.63 10.23 7.63
N ILE A 106 9.77 10.17 8.64
CA ILE A 106 9.87 11.13 9.75
C ILE A 106 10.74 10.55 10.88
N LYS A 107 11.61 11.37 11.44
CA LYS A 107 12.44 10.94 12.54
C LYS A 107 11.76 11.45 13.81
N ARG A 108 11.52 10.56 14.78
CA ARG A 108 10.87 10.97 16.03
C ARG A 108 11.54 10.35 17.26
N THR A 109 11.00 10.63 18.43
CA THR A 109 11.58 10.09 19.67
C THR A 109 11.32 8.59 19.74
N VAL A 110 12.17 7.88 20.49
CA VAL A 110 12.02 6.43 20.65
C VAL A 110 10.69 6.10 21.32
N ALA A 111 10.05 5.03 20.86
CA ALA A 111 8.76 4.59 21.41
C ALA A 111 8.82 3.08 21.46
N ALA A 112 8.66 2.51 22.66
CA ALA A 112 8.74 1.05 22.79
C ALA A 112 7.46 0.41 22.28
N PRO A 113 7.55 -0.76 21.67
CA PRO A 113 6.32 -1.40 21.19
C PRO A 113 5.42 -1.89 22.30
N SER A 114 4.11 -1.95 22.07
CA SER A 114 3.18 -2.56 23.02
C SER A 114 3.06 -3.95 22.37
N VAL A 115 3.19 -5.02 23.16
CA VAL A 115 3.20 -6.36 22.58
C VAL A 115 1.99 -7.18 22.96
N PHE A 116 1.45 -7.92 21.99
CA PHE A 116 0.27 -8.76 22.19
C PHE A 116 0.44 -10.11 21.45
N ILE A 117 -0.09 -11.19 22.03
CA ILE A 117 -0.01 -12.50 21.38
C ILE A 117 -1.40 -13.09 21.22
N PHE A 118 -1.63 -13.73 20.09
CA PHE A 118 -2.91 -14.34 19.79
C PHE A 118 -2.84 -15.84 19.47
N PRO A 119 -3.64 -16.66 20.16
CA PRO A 119 -3.56 -18.08 19.83
C PRO A 119 -4.37 -18.31 18.57
N PRO A 120 -4.26 -19.51 18.00
CA PRO A 120 -5.02 -19.86 16.80
C PRO A 120 -6.49 -19.96 17.20
N SER A 121 -7.39 -19.66 16.27
CA SER A 121 -8.80 -19.73 16.60
C SER A 121 -9.26 -21.17 16.57
N ASP A 122 -10.38 -21.43 17.24
CA ASP A 122 -10.89 -22.80 17.20
C ASP A 122 -11.29 -23.09 15.77
N GLU A 123 -11.89 -22.09 15.11
CA GLU A 123 -12.31 -22.28 13.72
C GLU A 123 -11.14 -22.76 12.86
N GLN A 124 -9.97 -22.13 12.99
CA GLN A 124 -8.83 -22.58 12.17
C GLN A 124 -8.39 -23.99 12.53
N LEU A 125 -8.38 -24.30 13.81
CA LEU A 125 -7.96 -25.60 14.31
C LEU A 125 -8.85 -26.75 13.81
N LYS A 126 -9.93 -26.45 13.12
CA LYS A 126 -10.74 -27.54 12.58
C LYS A 126 -9.95 -28.17 11.44
N SER A 127 -8.98 -27.42 10.94
CA SER A 127 -8.15 -27.90 9.83
C SER A 127 -6.75 -28.34 10.28
N GLY A 128 -5.85 -28.52 9.32
CA GLY A 128 -4.53 -29.01 9.66
C GLY A 128 -3.48 -28.02 10.07
N THR A 129 -3.87 -26.74 10.16
CA THR A 129 -2.91 -25.70 10.51
C THR A 129 -3.32 -24.83 11.68
N ALA A 130 -2.30 -24.27 12.32
CA ALA A 130 -2.50 -23.40 13.44
C ALA A 130 -1.61 -22.20 13.19
N SER A 131 -2.13 -21.00 13.37
CA SER A 131 -1.29 -19.83 13.21
C SER A 131 -1.28 -19.11 14.57
N VAL A 132 -0.13 -18.70 15.04
CA VAL A 132 -0.03 -17.95 16.31
C VAL A 132 0.51 -16.61 15.85
N VAL A 133 -0.11 -15.52 16.32
CA VAL A 133 0.28 -14.20 15.86
C VAL A 133 0.74 -13.31 16.99
N CYS A 134 1.78 -12.55 16.73
CA CYS A 134 2.33 -11.63 17.72
C CYS A 134 2.31 -10.26 17.08
N LEU A 135 1.77 -9.25 17.79
CA LEU A 135 1.67 -7.86 17.36
C LEU A 135 2.63 -6.97 18.18
N LEU A 136 3.44 -6.18 17.48
CA LEU A 136 4.33 -5.20 18.10
C LEU A 136 3.67 -3.90 17.62
N ASN A 137 3.10 -3.13 18.54
CA ASN A 137 2.37 -1.95 18.16
C ASN A 137 2.93 -0.56 18.51
N ASN A 138 2.85 0.32 17.51
CA ASN A 138 3.25 1.73 17.58
C ASN A 138 4.61 1.98 18.21
N PHE A 139 5.65 1.58 17.51
CA PHE A 139 6.98 1.79 18.04
C PHE A 139 7.86 2.54 17.07
N TYR A 140 9.01 3.01 17.56
CA TYR A 140 9.97 3.73 16.73
C TYR A 140 11.31 3.60 17.43
N PRO A 141 12.40 3.38 16.69
CA PRO A 141 12.58 3.25 15.24
C PRO A 141 12.00 1.94 14.69
N ARG A 142 12.00 1.79 13.37
CA ARG A 142 11.45 0.62 12.67
C ARG A 142 12.08 -0.72 13.02
N GLU A 143 13.35 -0.71 13.38
CA GLU A 143 14.06 -1.95 13.71
C GLU A 143 13.57 -2.60 15.01
N ALA A 144 13.25 -3.88 14.93
CA ALA A 144 12.78 -4.61 16.10
C ALA A 144 13.03 -6.08 15.81
N LYS A 145 13.19 -6.85 16.87
CA LYS A 145 13.46 -8.26 16.74
C LYS A 145 12.41 -9.03 17.54
N VAL A 146 11.94 -10.10 16.93
CA VAL A 146 10.93 -10.98 17.48
C VAL A 146 11.45 -12.42 17.41
N GLN A 147 11.34 -13.17 18.50
CA GLN A 147 11.78 -14.57 18.49
C GLN A 147 10.62 -15.33 19.08
N TRP A 148 10.34 -16.50 18.51
CA TRP A 148 9.25 -17.31 19.00
C TRP A 148 9.76 -18.46 19.85
N LYS A 149 9.00 -18.83 20.87
CA LYS A 149 9.36 -19.98 21.71
C LYS A 149 8.13 -20.88 21.87
N VAL A 150 8.32 -22.20 21.70
CA VAL A 150 7.24 -23.16 21.92
C VAL A 150 7.80 -24.09 23.00
N ASP A 151 7.10 -24.21 24.11
CA ASP A 151 7.53 -24.99 25.25
C ASP A 151 8.95 -24.56 25.64
N ASN A 152 9.10 -23.24 25.65
CA ASN A 152 10.32 -22.56 26.03
C ASN A 152 11.53 -22.79 25.16
N ALA A 153 11.33 -23.36 23.98
CA ALA A 153 12.44 -23.58 23.04
C ALA A 153 12.37 -22.57 21.87
N LEU A 154 13.45 -21.82 21.66
CA LEU A 154 13.55 -20.86 20.54
C LEU A 154 13.32 -21.55 19.21
N GLN A 155 12.52 -20.91 18.35
CA GLN A 155 12.14 -21.44 17.06
C GLN A 155 12.87 -20.82 15.89
N SER A 156 13.04 -21.60 14.82
CA SER A 156 13.71 -21.12 13.61
C SER A 156 13.04 -21.58 12.35
N GLY A 157 12.93 -20.67 11.39
CA GLY A 157 12.36 -20.96 10.07
C GLY A 157 10.87 -21.20 9.92
N ASN A 158 10.08 -21.00 10.96
CA ASN A 158 8.65 -21.25 10.85
C ASN A 158 7.80 -19.99 11.10
N SER A 159 8.41 -18.82 10.98
CA SER A 159 7.66 -17.59 11.16
C SER A 159 7.92 -16.62 10.02
N GLN A 160 7.00 -15.70 9.83
CA GLN A 160 7.07 -14.67 8.80
C GLN A 160 6.53 -13.38 9.40
N GLU A 161 7.06 -12.25 8.98
CA GLU A 161 6.56 -11.00 9.54
C GLU A 161 6.36 -9.92 8.51
N SER A 162 5.58 -8.90 8.86
CA SER A 162 5.43 -7.76 7.97
C SER A 162 5.21 -6.52 8.82
N VAL A 163 5.58 -5.38 8.26
CA VAL A 163 5.55 -4.11 8.97
C VAL A 163 4.72 -3.10 8.20
N THR A 164 3.95 -2.30 8.92
CA THR A 164 3.10 -1.29 8.31
C THR A 164 4.01 -0.12 7.90
N GLU A 165 3.49 0.72 7.01
CA GLU A 165 4.21 1.93 6.57
C GLU A 165 4.11 2.89 7.77
N GLN A 166 5.04 3.83 7.87
CA GLN A 166 5.04 4.77 8.98
C GLN A 166 3.69 5.45 9.13
N ASP A 167 3.23 5.60 10.35
CA ASP A 167 1.93 6.22 10.64
C ASP A 167 1.94 7.73 10.29
N SER A 168 0.92 8.21 9.59
CA SER A 168 0.91 9.60 9.18
C SER A 168 0.63 10.59 10.30
N LYS A 169 0.18 10.13 11.47
CA LYS A 169 -0.09 11.04 12.58
C LYS A 169 0.96 10.99 13.70
N ASP A 170 1.36 9.80 14.13
CA ASP A 170 2.37 9.66 15.20
C ASP A 170 3.71 9.12 14.75
N SER A 171 3.87 8.93 13.44
CA SER A 171 5.15 8.48 12.87
C SER A 171 5.73 7.18 13.42
N THR A 172 4.87 6.30 13.93
CA THR A 172 5.34 5.03 14.45
C THR A 172 5.10 3.93 13.44
N TYR A 173 5.60 2.76 13.77
CA TYR A 173 5.43 1.57 12.93
C TYR A 173 4.78 0.49 13.78
N SER A 174 4.19 -0.51 13.13
CA SER A 174 3.64 -1.68 13.84
C SER A 174 4.14 -2.90 13.07
N LEU A 175 4.22 -4.05 13.73
CA LEU A 175 4.75 -5.24 13.06
C LEU A 175 3.94 -6.42 13.47
N SER A 176 3.73 -7.34 12.55
CA SER A 176 2.98 -8.54 12.86
C SER A 176 3.90 -9.73 12.53
N SER A 177 3.98 -10.72 13.43
CA SER A 177 4.79 -11.91 13.18
C SER A 177 3.85 -13.11 13.31
N THR A 178 3.92 -14.05 12.37
CA THR A 178 3.08 -15.24 12.41
C THR A 178 3.93 -16.51 12.47
N LEU A 179 3.67 -17.31 13.47
CA LEU A 179 4.36 -18.59 13.65
C LEU A 179 3.38 -19.62 13.09
N THR A 180 3.83 -20.47 12.20
CA THR A 180 2.92 -21.47 11.63
C THR A 180 3.34 -22.86 12.03
N LEU A 181 2.40 -23.65 12.54
CA LEU A 181 2.69 -25.03 12.94
C LEU A 181 1.54 -25.90 12.46
N SER A 182 1.74 -27.22 12.46
CA SER A 182 0.63 -28.05 12.06
C SER A 182 -0.33 -28.08 13.25
N LYS A 183 -1.58 -28.39 12.97
CA LYS A 183 -2.54 -28.45 14.05
C LYS A 183 -2.12 -29.57 15.01
N ALA A 184 -1.53 -30.65 14.50
CA ALA A 184 -1.10 -31.74 15.39
C ALA A 184 -0.02 -31.26 16.35
N ASP A 185 0.97 -30.53 15.83
CA ASP A 185 2.03 -30.01 16.70
C ASP A 185 1.53 -29.01 17.73
N TYR A 186 0.62 -28.13 17.32
CA TYR A 186 0.09 -27.13 18.22
C TYR A 186 -0.61 -27.80 19.40
N GLU A 187 -1.40 -28.83 19.10
CA GLU A 187 -2.15 -29.55 20.13
C GLU A 187 -1.26 -30.37 21.06
N LYS A 188 -0.04 -30.64 20.62
CA LYS A 188 0.89 -31.37 21.43
C LYS A 188 1.54 -30.51 22.48
N HIS A 189 1.97 -29.31 22.07
CA HIS A 189 2.64 -28.39 22.99
C HIS A 189 1.75 -27.48 23.81
N LYS A 190 2.35 -26.84 24.80
CA LYS A 190 1.61 -26.03 25.74
C LYS A 190 1.88 -24.54 25.81
N VAL A 191 3.15 -24.17 26.00
CA VAL A 191 3.53 -22.78 26.15
C VAL A 191 3.94 -22.12 24.82
N TYR A 192 3.27 -21.01 24.52
CA TYR A 192 3.56 -20.28 23.30
C TYR A 192 3.90 -18.85 23.66
N ALA A 193 5.05 -18.40 23.16
CA ALA A 193 5.50 -17.06 23.50
C ALA A 193 6.27 -16.31 22.43
N CYS A 194 6.15 -14.99 22.43
CA CYS A 194 6.98 -14.21 21.52
C CYS A 194 7.79 -13.27 22.39
N GLU A 195 9.06 -13.19 22.07
CA GLU A 195 9.97 -12.36 22.83
C GLU A 195 10.43 -11.24 21.91
N VAL A 196 10.33 -10.01 22.40
CA VAL A 196 10.64 -8.80 21.62
C VAL A 196 11.76 -7.96 22.18
N THR A 197 12.69 -7.59 21.30
CA THR A 197 13.81 -6.71 21.61
C THR A 197 13.67 -5.45 20.75
N HIS A 198 13.91 -4.30 21.38
CA HIS A 198 13.78 -3.00 20.71
C HIS A 198 14.56 -1.94 21.50
N GLN A 199 15.02 -0.94 20.78
CA GLN A 199 15.79 0.17 21.32
C GLN A 199 15.09 0.82 22.48
N GLY A 200 13.77 0.84 22.46
CA GLY A 200 13.01 1.43 23.56
C GLY A 200 12.76 0.49 24.73
N LEU A 201 13.29 -0.73 24.64
CA LEU A 201 13.14 -1.72 25.69
C LEU A 201 14.51 -2.00 26.32
N SER A 202 14.63 -1.86 27.65
CA SER A 202 15.91 -2.11 28.34
C SER A 202 16.30 -3.58 28.32
N SER A 203 15.28 -4.43 28.38
CA SER A 203 15.44 -5.87 28.34
C SER A 203 14.26 -6.40 27.52
N PRO A 204 14.37 -7.61 26.95
CA PRO A 204 13.30 -8.19 26.14
C PRO A 204 11.98 -8.31 26.85
N VAL A 205 10.90 -8.15 26.10
CA VAL A 205 9.55 -8.29 26.65
C VAL A 205 8.96 -9.56 26.06
N THR A 206 8.39 -10.42 26.90
CA THR A 206 7.78 -11.66 26.43
C THR A 206 6.29 -11.72 26.75
N LYS A 207 5.48 -12.09 25.76
CA LYS A 207 4.04 -12.24 25.96
C LYS A 207 3.80 -13.70 25.64
N SER A 208 2.96 -14.36 26.40
CA SER A 208 2.77 -15.78 26.15
C SER A 208 1.41 -16.25 26.59
N PHE A 209 1.06 -17.46 26.18
CA PHE A 209 -0.19 -18.06 26.63
C PHE A 209 0.02 -19.56 26.69
N ASN A 210 -0.81 -20.25 27.45
CA ASN A 210 -0.75 -21.71 27.54
C ASN A 210 -1.99 -22.25 26.84
N ARG A 211 -1.82 -23.15 25.88
CA ARG A 211 -2.96 -23.69 25.19
C ARG A 211 -3.91 -24.30 26.21
N GLY A 212 -5.21 -24.13 26.00
CA GLY A 212 -6.18 -24.69 26.92
C GLY A 212 -6.64 -23.73 28.01
N GLU A 213 -5.69 -23.14 28.72
CA GLU A 213 -5.96 -22.21 29.82
C GLU A 213 -6.54 -20.86 29.39
N GLU B 1 -18.35 17.56 -8.47
CA GLU B 1 -17.65 16.41 -7.83
C GLU B 1 -17.12 15.50 -8.92
N VAL B 2 -15.91 15.77 -9.36
CA VAL B 2 -15.27 14.96 -10.39
C VAL B 2 -14.88 13.60 -9.81
N GLN B 3 -15.14 12.53 -10.56
CA GLN B 3 -14.80 11.19 -10.12
C GLN B 3 -14.26 10.34 -11.28
N LEU B 4 -13.29 9.47 -10.98
CA LEU B 4 -12.75 8.57 -11.98
C LEU B 4 -12.80 7.22 -11.29
N VAL B 5 -13.59 6.31 -11.85
CA VAL B 5 -13.75 5.00 -11.26
C VAL B 5 -13.24 3.94 -12.23
N GLU B 6 -12.24 3.19 -11.82
CA GLU B 6 -11.66 2.18 -12.68
C GLU B 6 -12.21 0.79 -12.38
N SER B 7 -12.15 -0.08 -13.38
CA SER B 7 -12.59 -1.45 -13.20
C SER B 7 -11.86 -2.29 -14.26
N GLY B 8 -11.92 -3.62 -14.09
CA GLY B 8 -11.27 -4.51 -15.04
C GLY B 8 -10.02 -5.13 -14.47
N GLY B 9 -9.73 -4.87 -13.19
CA GLY B 9 -8.55 -5.45 -12.58
C GLY B 9 -8.72 -6.91 -12.23
N GLY B 10 -7.65 -7.50 -11.73
CA GLY B 10 -7.72 -8.90 -11.34
C GLY B 10 -6.62 -9.74 -11.93
N LEU B 11 -6.87 -11.03 -11.97
CA LEU B 11 -5.92 -12.02 -12.44
C LEU B 11 -5.95 -12.24 -13.95
N VAL B 12 -4.79 -12.22 -14.60
CA VAL B 12 -4.73 -12.47 -16.05
C VAL B 12 -3.61 -13.46 -16.35
N GLN B 13 -3.84 -14.40 -17.28
CA GLN B 13 -2.80 -15.37 -17.63
C GLN B 13 -1.64 -14.80 -18.45
N PRO B 14 -0.41 -15.31 -18.28
CA PRO B 14 0.69 -14.77 -19.08
C PRO B 14 0.27 -14.94 -20.55
N GLY B 15 0.51 -13.93 -21.36
CA GLY B 15 0.13 -13.97 -22.77
C GLY B 15 -1.27 -13.51 -23.04
N GLY B 16 -2.05 -13.30 -21.99
CA GLY B 16 -3.41 -12.84 -22.14
C GLY B 16 -3.44 -11.32 -22.25
N SER B 17 -4.62 -10.74 -22.08
CA SER B 17 -4.81 -9.28 -22.20
C SER B 17 -5.49 -8.62 -21.02
N LEU B 18 -5.12 -7.38 -20.72
CA LEU B 18 -5.82 -6.64 -19.68
C LEU B 18 -6.79 -5.68 -20.42
N ARG B 19 -7.91 -5.39 -19.79
CA ARG B 19 -8.91 -4.52 -20.39
C ARG B 19 -9.44 -3.72 -19.24
N LEU B 20 -8.98 -2.48 -19.12
CA LEU B 20 -9.39 -1.62 -18.02
C LEU B 20 -10.25 -0.48 -18.47
N SER B 21 -11.17 -0.07 -17.60
CA SER B 21 -12.07 1.04 -17.87
C SER B 21 -11.82 2.11 -16.81
N CYS B 22 -12.06 3.35 -17.19
CA CYS B 22 -11.94 4.50 -16.31
C CYS B 22 -13.21 5.27 -16.59
N ALA B 23 -14.25 5.10 -15.77
CA ALA B 23 -15.53 5.79 -15.97
C ALA B 23 -15.51 7.14 -15.28
N ALA B 24 -15.73 8.17 -16.06
CA ALA B 24 -15.70 9.52 -15.55
C ALA B 24 -17.10 10.06 -15.23
N SER B 25 -17.16 10.89 -14.19
CA SER B 25 -18.39 11.57 -13.82
C SER B 25 -18.01 12.94 -13.25
N GLY B 26 -18.88 13.93 -13.46
CA GLY B 26 -18.62 15.28 -12.96
C GLY B 26 -17.98 16.19 -14.00
N PHE B 27 -17.62 15.63 -15.14
CA PHE B 27 -17.01 16.40 -16.24
C PHE B 27 -17.05 15.54 -17.52
N ASN B 28 -16.74 16.15 -18.66
CA ASN B 28 -16.73 15.47 -19.97
C ASN B 28 -15.29 15.14 -20.40
N ILE B 29 -14.96 13.86 -20.55
CA ILE B 29 -13.60 13.50 -20.94
C ILE B 29 -13.15 14.14 -22.24
N LYS B 30 -14.12 14.56 -23.05
CA LYS B 30 -13.88 15.19 -24.34
C LYS B 30 -13.03 16.48 -24.21
N GLU B 31 -13.12 17.12 -23.05
CA GLU B 31 -12.43 18.37 -22.81
C GLU B 31 -11.02 18.25 -22.23
N TYR B 32 -10.57 17.03 -22.00
CA TYR B 32 -9.25 16.85 -21.41
C TYR B 32 -8.47 15.73 -22.04
N TYR B 33 -7.18 15.62 -21.72
CA TYR B 33 -6.39 14.48 -22.18
C TYR B 33 -6.57 13.52 -21.01
N MET B 34 -6.75 12.24 -21.30
CA MET B 34 -6.88 11.25 -20.23
C MET B 34 -5.64 10.37 -20.37
N HIS B 35 -4.95 10.11 -19.26
CA HIS B 35 -3.74 9.33 -19.32
C HIS B 35 -3.83 8.06 -18.47
N TRP B 36 -2.94 7.10 -18.76
CA TRP B 36 -2.79 5.88 -17.96
C TRP B 36 -1.34 5.84 -17.45
N VAL B 37 -1.18 5.49 -16.18
CA VAL B 37 0.11 5.41 -15.50
C VAL B 37 0.02 4.11 -14.69
N ARG B 38 1.11 3.37 -14.57
CA ARG B 38 1.08 2.14 -13.76
C ARG B 38 2.23 2.16 -12.76
N GLN B 39 2.18 1.23 -11.82
CA GLN B 39 3.19 1.11 -10.77
C GLN B 39 3.28 -0.34 -10.35
N ALA B 40 4.38 -0.99 -10.68
CA ALA B 40 4.54 -2.39 -10.27
C ALA B 40 4.68 -2.35 -8.75
N PRO B 41 4.27 -3.44 -8.07
CA PRO B 41 4.35 -3.53 -6.60
C PRO B 41 5.70 -3.10 -6.06
N GLY B 42 5.69 -2.13 -5.17
CA GLY B 42 6.93 -1.62 -4.59
C GLY B 42 7.86 -0.81 -5.47
N LYS B 43 7.47 -0.51 -6.70
CA LYS B 43 8.34 0.24 -7.62
C LYS B 43 7.82 1.65 -7.93
N GLY B 44 8.50 2.36 -8.83
CA GLY B 44 8.08 3.71 -9.18
C GLY B 44 6.93 3.81 -10.19
N LEU B 45 6.54 5.05 -10.44
CA LEU B 45 5.48 5.35 -11.38
C LEU B 45 6.02 5.21 -12.79
N GLU B 46 5.19 4.77 -13.72
CA GLU B 46 5.59 4.60 -15.11
C GLU B 46 4.49 5.13 -16.05
N TRP B 47 4.83 6.00 -16.97
CA TRP B 47 3.80 6.54 -17.87
C TRP B 47 3.48 5.54 -18.99
N VAL B 48 2.20 5.27 -19.22
CA VAL B 48 1.79 4.34 -20.27
C VAL B 48 1.44 5.08 -21.57
N GLY B 49 0.58 6.07 -21.48
CA GLY B 49 0.17 6.83 -22.67
C GLY B 49 -1.02 7.74 -22.40
N LEU B 50 -1.50 8.43 -23.44
CA LEU B 50 -2.63 9.35 -23.30
C LEU B 50 -3.51 9.29 -24.53
N ILE B 51 -4.72 9.83 -24.38
CA ILE B 51 -5.65 9.94 -25.47
C ILE B 51 -6.33 11.31 -25.36
N ASP B 52 -6.61 11.92 -26.50
CA ASP B 52 -7.40 13.15 -26.55
C ASP B 52 -8.79 12.60 -26.94
N PRO B 53 -9.73 12.52 -25.97
CA PRO B 53 -11.03 11.96 -26.37
C PRO B 53 -11.79 12.72 -27.43
N GLU B 54 -11.42 13.98 -27.66
CA GLU B 54 -12.08 14.82 -28.65
C GLU B 54 -11.98 14.24 -30.06
N GLN B 55 -10.78 13.83 -30.50
CA GLN B 55 -10.68 13.25 -31.83
C GLN B 55 -9.97 11.89 -31.86
N GLY B 56 -9.70 11.36 -30.68
CA GLY B 56 -9.10 10.05 -30.62
C GLY B 56 -7.61 9.88 -30.76
N ASN B 57 -6.87 10.96 -30.91
CA ASN B 57 -5.43 10.86 -31.04
C ASN B 57 -4.84 10.28 -29.75
N THR B 58 -3.82 9.45 -29.93
CA THR B 58 -3.14 8.81 -28.82
C THR B 58 -1.63 8.91 -28.95
N ILE B 59 -0.92 8.79 -27.83
CA ILE B 59 0.54 8.75 -27.79
C ILE B 59 0.86 7.71 -26.71
N TYR B 60 1.75 6.79 -27.04
CA TYR B 60 2.15 5.69 -26.13
C TYR B 60 3.63 5.75 -25.80
N ASP B 61 4.02 5.29 -24.63
CA ASP B 61 5.44 5.22 -24.33
C ASP B 61 5.92 4.17 -25.37
N PRO B 62 7.07 4.42 -26.01
CA PRO B 62 7.56 3.44 -27.00
C PRO B 62 7.56 1.96 -26.52
N LYS B 63 7.70 1.73 -25.22
CA LYS B 63 7.69 0.35 -24.71
C LYS B 63 6.33 -0.35 -24.90
N PHE B 64 5.26 0.42 -25.01
CA PHE B 64 3.92 -0.16 -25.14
C PHE B 64 3.25 0.03 -26.48
N GLN B 65 3.91 0.79 -27.33
CA GLN B 65 3.39 1.12 -28.65
C GLN B 65 2.80 -0.07 -29.41
N ASP B 66 3.48 -1.20 -29.35
CA ASP B 66 3.03 -2.35 -30.12
C ASP B 66 1.98 -3.25 -29.44
N ARG B 67 1.82 -3.10 -28.12
CA ARG B 67 0.92 -3.96 -27.38
C ARG B 67 -0.24 -3.30 -26.65
N ALA B 68 -0.19 -1.97 -26.52
CA ALA B 68 -1.25 -1.24 -25.82
C ALA B 68 -2.16 -0.45 -26.75
N THR B 69 -3.41 -0.31 -26.32
CA THR B 69 -4.37 0.47 -27.06
C THR B 69 -5.19 1.27 -26.07
N ILE B 70 -5.11 2.60 -26.18
CA ILE B 70 -5.89 3.46 -25.34
C ILE B 70 -7.04 3.94 -26.20
N SER B 71 -8.24 3.94 -25.64
CA SER B 71 -9.40 4.38 -26.40
C SER B 71 -10.39 5.06 -25.50
N ALA B 72 -11.45 5.58 -26.11
CA ALA B 72 -12.48 6.26 -25.32
C ALA B 72 -13.86 6.23 -25.98
N ASP B 73 -14.89 6.23 -25.15
CA ASP B 73 -16.27 6.22 -25.64
C ASP B 73 -16.91 7.43 -25.00
N ASN B 74 -17.06 8.49 -25.77
CA ASN B 74 -17.64 9.68 -25.21
C ASN B 74 -19.09 9.50 -24.72
N SER B 75 -19.87 8.69 -25.40
CA SER B 75 -21.24 8.55 -24.95
C SER B 75 -21.33 7.91 -23.57
N LYS B 76 -20.32 7.13 -23.20
CA LYS B 76 -20.31 6.50 -21.88
C LYS B 76 -19.32 7.26 -21.00
N ASN B 77 -18.70 8.28 -21.57
CA ASN B 77 -17.75 9.13 -20.86
C ASN B 77 -16.74 8.25 -20.16
N THR B 78 -16.18 7.31 -20.91
CA THR B 78 -15.23 6.35 -20.37
C THR B 78 -13.99 6.21 -21.28
N ALA B 79 -12.81 6.08 -20.65
CA ALA B 79 -11.56 5.89 -21.36
C ALA B 79 -11.21 4.45 -21.03
N TYR B 80 -10.44 3.80 -21.90
CA TYR B 80 -10.07 2.41 -21.70
C TYR B 80 -8.60 2.20 -22.02
N LEU B 81 -8.02 1.14 -21.47
CA LEU B 81 -6.65 0.76 -21.78
C LEU B 81 -6.71 -0.72 -22.01
N GLN B 82 -6.18 -1.17 -23.12
CA GLN B 82 -6.10 -2.62 -23.33
C GLN B 82 -4.64 -2.87 -23.62
N MET B 83 -4.08 -3.95 -23.07
CA MET B 83 -2.69 -4.29 -23.35
C MET B 83 -2.68 -5.81 -23.54
N ASN B 84 -2.03 -6.28 -24.61
CA ASN B 84 -1.99 -7.72 -24.84
C ASN B 84 -0.60 -8.31 -24.67
N SER B 85 -0.50 -9.63 -24.81
CA SER B 85 0.78 -10.33 -24.63
C SER B 85 1.40 -10.02 -23.27
N LEU B 86 0.58 -10.08 -22.22
CA LEU B 86 1.06 -9.74 -20.88
C LEU B 86 2.09 -10.69 -20.33
N ARG B 87 3.03 -10.12 -19.59
CA ARG B 87 4.07 -10.87 -18.93
C ARG B 87 4.10 -10.44 -17.48
N ALA B 88 4.95 -11.09 -16.72
CA ALA B 88 5.12 -10.79 -15.29
C ALA B 88 5.39 -9.33 -15.02
N GLU B 89 6.21 -8.74 -15.87
CA GLU B 89 6.57 -7.34 -15.73
C GLU B 89 5.37 -6.41 -15.80
N ASP B 90 4.25 -6.90 -16.32
CA ASP B 90 3.07 -6.05 -16.43
C ASP B 90 2.20 -6.08 -15.18
N THR B 91 2.57 -6.91 -14.20
CA THR B 91 1.80 -6.91 -12.94
C THR B 91 2.01 -5.54 -12.32
N ALA B 92 0.91 -4.84 -12.07
CA ALA B 92 1.00 -3.50 -11.52
C ALA B 92 -0.37 -2.93 -11.22
N VAL B 93 -0.36 -1.82 -10.49
CA VAL B 93 -1.57 -1.07 -10.20
C VAL B 93 -1.64 -0.06 -11.37
N TYR B 94 -2.75 -0.05 -12.09
CA TYR B 94 -2.95 0.87 -13.21
C TYR B 94 -3.91 1.98 -12.79
N TYR B 95 -3.49 3.24 -13.05
CA TYR B 95 -4.28 4.43 -12.74
C TYR B 95 -4.64 5.19 -14.01
N CYS B 96 -5.81 5.81 -14.02
CA CYS B 96 -6.16 6.69 -15.12
C CYS B 96 -6.10 8.04 -14.45
N ALA B 97 -5.80 9.08 -15.23
CA ALA B 97 -5.66 10.42 -14.66
C ALA B 97 -6.13 11.46 -15.65
N ARG B 98 -6.75 12.52 -15.13
CA ARG B 98 -7.21 13.65 -15.93
C ARG B 98 -6.09 14.70 -15.98
N ASP B 99 -5.71 15.09 -17.19
CA ASP B 99 -4.64 16.08 -17.42
C ASP B 99 -5.24 17.42 -17.85
N THR B 100 -4.94 18.48 -17.10
CA THR B 100 -5.41 19.83 -17.37
C THR B 100 -4.48 20.55 -18.37
N ALA B 101 -3.34 19.92 -18.65
CA ALA B 101 -2.23 20.36 -19.51
C ALA B 101 -1.10 20.73 -18.56
N ALA B 102 -1.47 21.44 -17.51
CA ALA B 102 -0.53 21.90 -16.50
C ALA B 102 -0.13 20.77 -15.53
N TYR B 103 -1.10 19.94 -15.20
CA TYR B 103 -0.89 18.78 -14.32
C TYR B 103 -2.09 17.85 -14.25
N PHE B 104 -1.87 16.68 -13.65
CA PHE B 104 -2.94 15.69 -13.45
C PHE B 104 -3.72 16.18 -12.23
N ASP B 105 -5.02 16.45 -12.36
CA ASP B 105 -5.75 16.95 -11.20
C ASP B 105 -6.70 16.00 -10.53
N TYR B 106 -7.04 14.90 -11.20
CA TYR B 106 -7.92 13.88 -10.61
C TYR B 106 -7.40 12.53 -11.04
N TRP B 107 -7.49 11.53 -10.17
CA TRP B 107 -6.99 10.20 -10.48
C TRP B 107 -8.01 9.13 -10.17
N GLY B 108 -7.96 8.04 -10.91
CA GLY B 108 -8.81 6.90 -10.57
C GLY B 108 -8.25 6.34 -9.25
N GLN B 109 -8.94 5.36 -8.67
CA GLN B 109 -8.49 4.78 -7.41
C GLN B 109 -7.33 3.78 -7.62
N GLY B 110 -7.15 3.35 -8.86
CA GLY B 110 -6.09 2.40 -9.15
C GLY B 110 -6.59 0.96 -9.05
N THR B 111 -6.19 0.10 -9.97
CA THR B 111 -6.63 -1.30 -9.92
C THR B 111 -5.45 -2.22 -10.25
N LEU B 112 -5.27 -3.22 -9.41
CA LEU B 112 -4.17 -4.16 -9.57
C LEU B 112 -4.46 -5.23 -10.61
N VAL B 113 -3.53 -5.37 -11.56
CA VAL B 113 -3.64 -6.46 -12.54
C VAL B 113 -2.46 -7.37 -12.17
N THR B 114 -2.76 -8.65 -12.04
CA THR B 114 -1.76 -9.63 -11.65
C THR B 114 -1.61 -10.62 -12.78
N VAL B 115 -0.40 -10.73 -13.34
CA VAL B 115 -0.16 -11.67 -14.43
C VAL B 115 0.47 -12.92 -13.85
N SER B 116 -0.31 -14.00 -13.78
CA SER B 116 0.14 -15.25 -13.20
C SER B 116 -0.64 -16.42 -13.79
N SER B 117 0.00 -17.60 -13.81
CA SER B 117 -0.62 -18.82 -14.29
C SER B 117 -1.33 -19.51 -13.13
N ALA B 118 -1.15 -18.99 -11.92
CA ALA B 118 -1.79 -19.58 -10.73
C ALA B 118 -3.30 -19.38 -10.72
N SER B 119 -4.00 -20.16 -9.91
CA SER B 119 -5.44 -20.05 -9.87
C SER B 119 -5.92 -19.14 -8.74
N THR B 120 -7.07 -18.54 -8.96
CA THR B 120 -7.68 -17.66 -7.97
C THR B 120 -8.16 -18.52 -6.79
N LYS B 121 -7.91 -18.06 -5.56
CA LYS B 121 -8.37 -18.78 -4.38
C LYS B 121 -8.86 -17.77 -3.36
N GLY B 122 -10.06 -17.98 -2.79
CA GLY B 122 -10.61 -17.04 -1.81
C GLY B 122 -10.04 -17.29 -0.42
N PRO B 123 -9.96 -16.27 0.41
CA PRO B 123 -9.40 -16.46 1.74
C PRO B 123 -10.33 -17.06 2.78
N SER B 124 -9.72 -17.56 3.85
CA SER B 124 -10.44 -18.06 5.01
C SER B 124 -10.18 -16.90 5.97
N VAL B 125 -11.16 -16.50 6.77
CA VAL B 125 -10.95 -15.38 7.69
C VAL B 125 -11.09 -15.90 9.13
N PHE B 126 -10.06 -15.72 9.94
CA PHE B 126 -10.09 -16.23 11.31
C PHE B 126 -9.90 -15.09 12.32
N PRO B 127 -10.59 -15.18 13.47
CA PRO B 127 -10.47 -14.14 14.50
C PRO B 127 -9.17 -14.25 15.28
N LEU B 128 -8.67 -13.09 15.69
CA LEU B 128 -7.47 -12.98 16.52
C LEU B 128 -8.15 -12.40 17.78
N ALA B 129 -8.44 -13.27 18.74
CA ALA B 129 -9.17 -12.84 19.92
C ALA B 129 -8.33 -12.30 21.04
N PRO B 130 -8.83 -11.22 21.66
CA PRO B 130 -8.21 -10.51 22.78
C PRO B 130 -8.05 -11.35 24.03
N SER B 131 -6.92 -11.15 24.69
CA SER B 131 -6.57 -11.85 25.91
C SER B 131 -7.51 -11.44 27.07
N GLY B 137 -3.13 -4.25 29.89
CA GLY B 137 -3.71 -3.47 30.98
C GLY B 137 -4.92 -2.70 30.51
N GLY B 138 -4.74 -1.40 30.22
CA GLY B 138 -5.85 -0.60 29.78
C GLY B 138 -6.21 -0.75 28.31
N THR B 139 -5.28 -1.24 27.51
CA THR B 139 -5.49 -1.42 26.07
C THR B 139 -5.43 -2.90 25.71
N ALA B 140 -6.29 -3.30 24.77
CA ALA B 140 -6.31 -4.66 24.30
C ALA B 140 -6.22 -4.58 22.79
N ALA B 141 -6.04 -5.72 22.16
CA ALA B 141 -5.97 -5.70 20.72
C ALA B 141 -6.72 -6.90 20.27
N LEU B 142 -7.31 -6.80 19.10
CA LEU B 142 -8.02 -7.90 18.50
C LEU B 142 -7.73 -7.76 17.03
N GLY B 143 -8.13 -8.75 16.23
CA GLY B 143 -7.88 -8.65 14.80
C GLY B 143 -8.47 -9.79 14.04
N CYS B 144 -8.09 -9.88 12.76
CA CYS B 144 -8.56 -10.95 11.87
C CYS B 144 -7.37 -11.40 11.04
N LEU B 145 -7.28 -12.72 10.82
CA LEU B 145 -6.22 -13.33 10.01
C LEU B 145 -6.89 -13.73 8.70
N VAL B 146 -6.43 -13.19 7.58
CA VAL B 146 -7.05 -13.48 6.27
C VAL B 146 -6.01 -14.38 5.62
N LYS B 147 -6.33 -15.66 5.45
CA LYS B 147 -5.34 -16.62 5.01
C LYS B 147 -5.66 -17.43 3.79
N ASP B 148 -4.58 -17.71 3.05
CA ASP B 148 -4.60 -18.55 1.88
C ASP B 148 -5.40 -18.08 0.70
N TYR B 149 -5.06 -16.89 0.20
CA TYR B 149 -5.78 -16.35 -0.94
C TYR B 149 -4.80 -16.02 -2.06
N PHE B 150 -5.35 -15.84 -3.25
CA PHE B 150 -4.59 -15.48 -4.43
C PHE B 150 -5.58 -15.03 -5.51
N PRO B 151 -5.23 -13.97 -6.24
CA PRO B 151 -3.99 -13.18 -6.13
C PRO B 151 -4.29 -12.03 -5.16
N GLU B 152 -3.36 -11.09 -5.02
CA GLU B 152 -3.71 -9.91 -4.20
C GLU B 152 -4.74 -9.17 -5.09
N PRO B 153 -5.45 -8.20 -4.51
CA PRO B 153 -5.36 -7.74 -3.14
C PRO B 153 -6.61 -8.10 -2.35
N VAL B 154 -6.55 -7.84 -1.04
CA VAL B 154 -7.69 -8.06 -0.18
C VAL B 154 -7.88 -6.73 0.53
N THR B 155 -9.11 -6.34 0.80
CA THR B 155 -9.31 -5.09 1.55
C THR B 155 -9.97 -5.49 2.87
N VAL B 156 -9.53 -4.89 3.96
CA VAL B 156 -10.09 -5.21 5.26
C VAL B 156 -10.51 -3.92 5.91
N SER B 157 -11.70 -3.90 6.47
CA SER B 157 -12.14 -2.71 7.19
C SER B 157 -12.72 -3.24 8.46
N TRP B 158 -13.09 -2.33 9.35
CA TRP B 158 -13.68 -2.68 10.64
C TRP B 158 -15.02 -1.95 10.80
N ASN B 159 -16.01 -2.68 11.34
CA ASN B 159 -17.37 -2.18 11.57
C ASN B 159 -17.85 -1.47 10.30
N SER B 160 -17.69 -2.15 9.16
CA SER B 160 -18.10 -1.64 7.87
C SER B 160 -17.38 -0.39 7.40
N GLY B 161 -16.17 -0.20 7.89
CA GLY B 161 -15.34 0.94 7.50
C GLY B 161 -15.45 2.19 8.36
N ALA B 162 -16.33 2.17 9.35
CA ALA B 162 -16.50 3.32 10.22
C ALA B 162 -15.38 3.37 11.27
N LEU B 163 -14.85 2.22 11.64
CA LEU B 163 -13.78 2.16 12.63
C LEU B 163 -12.41 2.17 11.95
N THR B 164 -11.66 3.26 12.14
CA THR B 164 -10.32 3.38 11.60
C THR B 164 -9.34 3.66 12.74
N SER B 165 -9.84 4.18 13.86
CA SER B 165 -8.98 4.46 15.01
C SER B 165 -8.27 3.20 15.56
N GLY B 166 -6.94 3.23 15.66
CA GLY B 166 -6.20 2.08 16.16
C GLY B 166 -6.09 0.85 15.25
N VAL B 167 -6.52 0.98 13.99
CA VAL B 167 -6.47 -0.12 13.04
C VAL B 167 -5.16 -0.17 12.29
N HIS B 168 -4.63 -1.37 12.14
CA HIS B 168 -3.43 -1.50 11.37
C HIS B 168 -3.64 -2.74 10.51
N THR B 169 -3.62 -2.58 9.19
CA THR B 169 -3.76 -3.74 8.31
C THR B 169 -2.39 -3.87 7.69
N PHE B 170 -1.79 -5.03 7.89
CA PHE B 170 -0.45 -5.31 7.44
C PHE B 170 -0.30 -5.79 5.99
N PRO B 171 0.88 -5.59 5.42
CA PRO B 171 1.16 -6.04 4.04
C PRO B 171 1.00 -7.56 4.04
N ALA B 172 0.47 -8.12 2.98
CA ALA B 172 0.35 -9.58 2.92
C ALA B 172 1.75 -10.18 2.80
N VAL B 173 1.92 -11.44 3.19
CA VAL B 173 3.18 -12.14 2.99
C VAL B 173 2.87 -13.36 2.13
N LEU B 174 3.80 -13.77 1.27
CA LEU B 174 3.59 -14.97 0.46
C LEU B 174 4.02 -16.13 1.35
N GLN B 175 3.19 -17.16 1.44
CA GLN B 175 3.48 -18.32 2.28
C GLN B 175 4.21 -19.37 1.42
N SER B 176 4.64 -20.48 2.05
CA SER B 176 5.31 -21.58 1.36
C SER B 176 4.50 -22.22 0.25
N SER B 177 3.19 -22.06 0.32
CA SER B 177 2.27 -22.61 -0.67
C SER B 177 2.12 -21.67 -1.86
N GLY B 178 2.65 -20.47 -1.77
CA GLY B 178 2.44 -19.55 -2.89
C GLY B 178 1.12 -18.77 -2.76
N LEU B 179 0.45 -18.93 -1.62
CA LEU B 179 -0.79 -18.19 -1.37
C LEU B 179 -0.48 -17.10 -0.35
N TYR B 180 -1.25 -16.03 -0.36
CA TYR B 180 -1.01 -14.94 0.58
C TYR B 180 -1.70 -15.08 1.93
N SER B 181 -1.14 -14.42 2.94
CA SER B 181 -1.71 -14.35 4.28
C SER B 181 -1.50 -12.92 4.80
N LEU B 182 -2.52 -12.36 5.43
CA LEU B 182 -2.41 -11.00 5.93
C LEU B 182 -3.22 -10.88 7.20
N SER B 183 -2.79 -9.99 8.09
CA SER B 183 -3.55 -9.77 9.31
C SER B 183 -3.92 -8.31 9.43
N SER B 184 -5.01 -8.05 10.15
CA SER B 184 -5.47 -6.69 10.44
C SER B 184 -5.79 -6.71 11.93
N VAL B 185 -5.31 -5.72 12.66
CA VAL B 185 -5.58 -5.66 14.08
C VAL B 185 -6.11 -4.28 14.42
N VAL B 186 -6.72 -4.19 15.60
CA VAL B 186 -7.17 -2.90 16.05
C VAL B 186 -6.93 -2.89 17.56
N THR B 187 -6.39 -1.79 18.08
CA THR B 187 -6.18 -1.73 19.54
C THR B 187 -7.37 -0.93 20.06
N VAL B 188 -7.82 -1.30 21.26
CA VAL B 188 -9.03 -0.71 21.82
C VAL B 188 -8.97 -0.64 23.35
N PRO B 189 -9.88 0.12 23.96
CA PRO B 189 -9.87 0.20 25.43
C PRO B 189 -10.26 -1.20 25.92
N SER B 190 -9.55 -1.75 26.91
CA SER B 190 -9.89 -3.08 27.45
C SER B 190 -11.36 -3.15 27.80
N SER B 191 -11.83 -2.07 28.40
CA SER B 191 -13.21 -2.02 28.85
C SER B 191 -14.24 -2.15 27.74
N SER B 192 -13.91 -1.71 26.52
CA SER B 192 -14.88 -1.79 25.43
C SER B 192 -15.15 -3.23 24.94
N LEU B 193 -14.32 -4.18 25.35
CA LEU B 193 -14.54 -5.54 24.92
C LEU B 193 -15.88 -6.08 25.40
N GLY B 194 -16.35 -5.57 26.55
CA GLY B 194 -17.64 -6.03 27.06
C GLY B 194 -18.83 -5.10 26.83
N THR B 195 -18.58 -3.98 26.17
CA THR B 195 -19.67 -3.04 25.97
C THR B 195 -19.97 -2.78 24.51
N GLN B 196 -19.28 -3.51 23.63
CA GLN B 196 -19.44 -3.27 22.21
C GLN B 196 -18.84 -4.43 21.41
N THR B 197 -19.31 -4.63 20.19
CA THR B 197 -18.83 -5.72 19.31
C THR B 197 -17.97 -5.17 18.17
N TYR B 198 -16.90 -5.88 17.80
CA TYR B 198 -15.98 -5.55 16.74
C TYR B 198 -16.11 -6.55 15.57
N ILE B 199 -16.22 -6.03 14.36
CA ILE B 199 -16.40 -6.87 13.21
C ILE B 199 -15.41 -6.51 12.11
N CYS B 200 -14.64 -7.48 11.62
CA CYS B 200 -13.79 -7.13 10.49
C CYS B 200 -14.51 -7.58 9.20
N ASN B 201 -14.44 -6.74 8.18
CA ASN B 201 -15.09 -7.03 6.92
C ASN B 201 -13.97 -7.23 5.91
N VAL B 202 -14.00 -8.37 5.23
CA VAL B 202 -12.93 -8.69 4.32
C VAL B 202 -13.50 -8.85 2.92
N ASN B 203 -12.88 -8.22 1.93
CA ASN B 203 -13.35 -8.34 0.56
C ASN B 203 -12.18 -8.82 -0.32
N HIS B 204 -12.39 -9.88 -1.11
CA HIS B 204 -11.33 -10.34 -2.01
C HIS B 204 -12.04 -10.37 -3.35
N LYS B 205 -11.96 -9.28 -4.12
CA LYS B 205 -12.67 -9.26 -5.42
C LYS B 205 -12.36 -10.40 -6.41
N PRO B 206 -11.10 -10.83 -6.52
CA PRO B 206 -10.82 -11.91 -7.47
C PRO B 206 -11.68 -13.16 -7.30
N SER B 207 -12.07 -13.47 -6.08
CA SER B 207 -12.88 -14.68 -5.83
C SER B 207 -14.30 -14.33 -5.37
N ASN B 208 -14.65 -13.07 -5.55
CA ASN B 208 -15.95 -12.54 -5.15
C ASN B 208 -16.29 -12.93 -3.71
N THR B 209 -15.29 -12.84 -2.83
CA THR B 209 -15.53 -13.22 -1.43
C THR B 209 -15.73 -12.02 -0.55
N LYS B 210 -16.77 -12.04 0.26
CA LYS B 210 -17.02 -10.96 1.21
C LYS B 210 -17.36 -11.71 2.51
N VAL B 211 -16.63 -11.41 3.56
CA VAL B 211 -16.83 -12.07 4.83
C VAL B 211 -16.92 -10.98 5.90
N ASP B 212 -17.83 -11.15 6.85
CA ASP B 212 -17.95 -10.26 8.00
C ASP B 212 -17.62 -11.21 9.17
N LYS B 213 -16.56 -10.97 9.91
CA LYS B 213 -16.22 -11.85 11.04
C LYS B 213 -16.28 -11.08 12.37
N LYS B 214 -17.11 -11.54 13.29
CA LYS B 214 -17.22 -10.89 14.60
C LYS B 214 -16.03 -11.43 15.40
N VAL B 215 -15.30 -10.57 16.07
CA VAL B 215 -14.15 -10.99 16.83
C VAL B 215 -14.44 -10.73 18.28
N GLU B 216 -14.59 -11.79 19.07
CA GLU B 216 -14.91 -11.63 20.48
C GLU B 216 -13.89 -12.25 21.39
N PRO B 217 -13.79 -11.73 22.63
CA PRO B 217 -12.82 -12.29 23.56
C PRO B 217 -13.18 -13.73 23.89
#